data_9BUJ
#
_entry.id   9BUJ
#
_cell.length_a   48.504
_cell.length_b   58.137
_cell.length_c   149.080
_cell.angle_alpha   90.000
_cell.angle_beta   90.000
_cell.angle_gamma   90.000
#
_symmetry.space_group_name_H-M   'P 21 21 21'
#
loop_
_entity.id
_entity.type
_entity.pdbx_description
1 polymer 'Pectate lyase'
2 non-polymer 'CALCIUM ION'
3 water water
#
_entity_poly.entity_id   1
_entity_poly.type   'polypeptide(L)'
_entity_poly.pdbx_seq_one_letter_code
;MGSSHHHHHHSSGLVPRGSHMASLDSNLAFKNADGYGKYTQGGRDGKIYIVNSLEDNPKNPAKGTLRHALKRKYKRTVVF
NISGVIHLKEPIIVKSGFLTIAGQTSPGGITVAGAPVQVSDADHIIIRYMRFRLGTFKLAEDSMSVRNSRDIIIDHCSFS
WSVDETASFYNNQRFTLQNSIVAASLNHSIHPKGHHGYGGIWGGNKASFINNVIAHHNSRTPRLNGSRLKPPYDEQFEFV
EFSNNIIFNWGSNNVYGSENGRFNLINNIYKPGPASKAIQLVDLWYSPNITKSQAYISGNYFVGDEKITADNRLGVNYRT
SKDAKRKNISMDDKRLSRVKLEPINGAVNSATINSTQKTYSTLIKEKNVGANFNANGMFLDNIDTQVLNQVDGSTPINGK
GLINSELEMIKSWEEYERQFLGFPDIIDKNKDGINDRWAAKNPTNQHNINAYINSITE
;
_entity_poly.pdbx_strand_id   A
#
loop_
_chem_comp.id
_chem_comp.type
_chem_comp.name
_chem_comp.formula
CA non-polymer 'CALCIUM ION' 'Ca 2'
#
# COMPACT_ATOMS: atom_id res chain seq x y z
N ASP A 25 12.54 -5.08 19.25
CA ASP A 25 13.31 -3.84 19.10
C ASP A 25 14.29 -3.99 17.94
N SER A 26 15.20 -4.95 18.06
CA SER A 26 16.00 -5.40 16.93
C SER A 26 15.32 -6.55 16.19
N ASN A 27 14.20 -7.05 16.71
CA ASN A 27 13.34 -7.96 15.98
C ASN A 27 12.49 -7.24 14.94
N LEU A 28 12.31 -5.93 15.10
CA LEU A 28 11.59 -5.12 14.12
C LEU A 28 12.07 -5.39 12.71
N ALA A 29 11.13 -5.38 11.76
CA ALA A 29 11.46 -5.60 10.36
C ALA A 29 12.43 -4.53 9.84
N PHE A 30 12.33 -3.32 10.35
CA PHE A 30 13.21 -2.21 9.98
C PHE A 30 12.90 -1.08 10.95
N LYS A 31 13.72 -0.02 10.89
CA LYS A 31 13.80 0.95 11.97
C LYS A 31 12.45 1.52 12.38
N ASN A 32 11.63 1.91 11.40
CA ASN A 32 10.35 2.54 11.71
C ASN A 32 9.13 1.64 11.44
N ALA A 33 9.33 0.33 11.34
CA ALA A 33 8.20 -0.58 11.14
C ALA A 33 7.25 -0.48 12.31
N ASP A 34 5.95 -0.48 12.02
CA ASP A 34 4.96 -0.33 13.08
C ASP A 34 3.74 -1.15 12.73
N GLY A 35 2.83 -1.27 13.70
CA GLY A 35 1.61 -2.00 13.46
C GLY A 35 1.80 -3.50 13.50
N TYR A 36 0.73 -4.20 13.11
CA TYR A 36 0.68 -5.63 13.39
C TYR A 36 1.71 -6.44 12.61
N GLY A 37 2.37 -5.88 11.61
CA GLY A 37 3.36 -6.65 10.88
C GLY A 37 4.79 -6.22 11.19
N LYS A 38 4.94 -5.47 12.28
CA LYS A 38 6.20 -4.80 12.54
C LYS A 38 7.33 -5.77 12.86
N TYR A 39 7.03 -7.02 13.25
CA TYR A 39 8.09 -7.95 13.60
C TYR A 39 8.34 -8.96 12.50
N THR A 40 7.76 -8.75 11.33
CA THR A 40 8.03 -9.60 10.17
C THR A 40 9.53 -9.71 9.93
N GLN A 41 9.96 -10.92 9.57
CA GLN A 41 11.38 -11.18 9.39
C GLN A 41 11.83 -11.00 7.95
N GLY A 42 10.95 -11.28 6.98
CA GLY A 42 11.34 -11.18 5.59
C GLY A 42 12.53 -12.08 5.31
N GLY A 43 13.49 -11.54 4.57
CA GLY A 43 14.67 -12.32 4.26
C GLY A 43 15.92 -11.86 4.99
N ARG A 44 15.78 -11.47 6.26
CA ARG A 44 16.91 -10.91 6.98
C ARG A 44 18.03 -11.93 7.17
N ASP A 45 17.67 -13.22 7.21
CA ASP A 45 18.62 -14.30 7.44
C ASP A 45 18.92 -15.12 6.18
N GLY A 46 18.69 -14.56 5.00
CA GLY A 46 18.79 -15.31 3.76
C GLY A 46 19.96 -14.90 2.87
N LYS A 47 20.03 -15.57 1.71
CA LYS A 47 20.96 -15.21 0.63
C LYS A 47 20.61 -13.83 0.10
N ILE A 48 21.60 -13.16 -0.46
CA ILE A 48 21.40 -11.96 -1.27
C ILE A 48 21.18 -12.39 -2.71
N TYR A 49 20.13 -11.87 -3.33
CA TYR A 49 19.83 -12.08 -4.73
C TYR A 49 19.83 -10.73 -5.42
N ILE A 50 20.69 -10.56 -6.41
CA ILE A 50 20.83 -9.30 -7.14
C ILE A 50 20.03 -9.39 -8.44
N VAL A 51 18.98 -8.59 -8.58
CA VAL A 51 18.31 -8.43 -9.86
C VAL A 51 19.10 -7.40 -10.67
N ASN A 52 19.62 -7.82 -11.82
CA ASN A 52 20.46 -6.95 -12.64
C ASN A 52 19.93 -6.82 -14.05
N SER A 53 18.67 -7.21 -14.27
CA SER A 53 18.03 -7.06 -15.57
C SER A 53 16.58 -6.65 -15.35
N LEU A 54 16.04 -5.87 -16.29
CA LEU A 54 14.62 -5.57 -16.37
C LEU A 54 13.81 -6.59 -17.18
N GLU A 55 14.43 -7.65 -17.70
CA GLU A 55 13.71 -8.57 -18.58
C GLU A 55 12.74 -9.43 -17.77
N ASP A 56 11.77 -10.03 -18.47
CA ASP A 56 10.88 -11.01 -17.88
C ASP A 56 10.61 -12.09 -18.91
N ASN A 57 10.86 -13.34 -18.55
CA ASN A 57 10.49 -14.48 -19.39
C ASN A 57 9.68 -15.44 -18.55
N PRO A 58 8.35 -15.42 -18.67
CA PRO A 58 7.54 -16.27 -17.77
C PRO A 58 7.77 -17.75 -18.02
N LYS A 59 8.27 -18.11 -19.20
CA LYS A 59 8.44 -19.50 -19.58
C LYS A 59 9.77 -20.07 -19.06
N ASN A 60 10.88 -19.34 -19.27
CA ASN A 60 12.18 -19.70 -18.70
C ASN A 60 12.81 -18.45 -18.09
N PRO A 61 12.43 -18.11 -16.87
CA PRO A 61 12.97 -16.89 -16.25
C PRO A 61 14.47 -17.03 -16.03
N ALA A 62 15.21 -16.01 -16.45
CA ALA A 62 16.66 -16.04 -16.33
C ALA A 62 17.09 -15.55 -14.94
N LYS A 63 18.21 -16.10 -14.46
CA LYS A 63 18.77 -15.60 -13.22
C LYS A 63 19.09 -14.13 -13.38
N GLY A 64 18.95 -13.37 -12.30
CA GLY A 64 19.14 -11.93 -12.36
C GLY A 64 17.91 -11.13 -12.69
N THR A 65 16.77 -11.78 -12.98
CA THR A 65 15.51 -11.10 -13.25
C THR A 65 14.57 -11.20 -12.06
N LEU A 66 13.59 -10.30 -12.03
CA LEU A 66 12.66 -10.27 -10.91
C LEU A 66 11.89 -11.59 -10.77
N ARG A 67 11.33 -12.09 -11.88
CA ARG A 67 10.55 -13.32 -11.81
C ARG A 67 11.36 -14.45 -11.19
N HIS A 68 12.61 -14.61 -11.62
CA HIS A 68 13.43 -15.69 -11.07
C HIS A 68 13.67 -15.48 -9.58
N ALA A 69 14.04 -14.25 -9.18
CA ALA A 69 14.31 -13.92 -7.79
C ALA A 69 13.13 -14.24 -6.88
N LEU A 70 11.94 -13.81 -7.26
CA LEU A 70 10.78 -13.97 -6.39
C LEU A 70 10.30 -15.42 -6.33
N LYS A 71 10.60 -16.23 -7.35
CA LYS A 71 10.19 -17.63 -7.33
C LYS A 71 11.17 -18.54 -6.58
N ARG A 72 12.35 -18.04 -6.19
CA ARG A 72 13.25 -18.83 -5.34
C ARG A 72 12.53 -19.24 -4.07
N LYS A 73 12.97 -20.38 -3.50
CA LYS A 73 12.32 -20.98 -2.35
C LYS A 73 13.04 -20.70 -1.03
N TYR A 74 14.29 -20.26 -1.08
CA TYR A 74 15.06 -20.02 0.13
C TYR A 74 14.85 -18.59 0.65
N LYS A 75 15.19 -18.39 1.92
CA LYS A 75 15.20 -17.06 2.51
C LYS A 75 16.11 -16.16 1.70
N ARG A 76 15.63 -14.96 1.37
CA ARG A 76 16.40 -14.11 0.45
C ARG A 76 16.04 -12.64 0.63
N THR A 77 17.06 -11.79 0.59
CA THR A 77 16.89 -10.36 0.37
C THR A 77 17.23 -10.05 -1.09
N VAL A 78 16.22 -9.58 -1.84
CA VAL A 78 16.38 -9.22 -3.24
C VAL A 78 16.80 -7.77 -3.32
N VAL A 79 17.92 -7.50 -3.98
CA VAL A 79 18.41 -6.14 -4.19
C VAL A 79 18.53 -5.92 -5.68
N PHE A 80 18.71 -4.68 -6.08
CA PHE A 80 18.58 -4.28 -7.49
C PHE A 80 19.82 -3.54 -7.92
N ASN A 81 20.49 -4.06 -8.93
CA ASN A 81 21.60 -3.33 -9.53
C ASN A 81 21.15 -2.97 -10.94
N ILE A 82 20.04 -2.22 -11.00
CA ILE A 82 19.38 -1.91 -12.26
C ILE A 82 18.29 -0.92 -11.92
N SER A 83 17.82 -0.17 -12.92
CA SER A 83 16.81 0.84 -12.66
C SER A 83 15.87 0.93 -13.85
N GLY A 84 14.64 1.36 -13.60
CA GLY A 84 13.64 1.49 -14.66
C GLY A 84 12.43 0.58 -14.54
N VAL A 85 11.78 0.28 -15.66
CA VAL A 85 10.48 -0.40 -15.66
C VAL A 85 10.67 -1.86 -16.06
N ILE A 86 10.21 -2.76 -15.20
CA ILE A 86 10.13 -4.19 -15.52
C ILE A 86 8.72 -4.44 -16.05
N HIS A 87 8.61 -4.78 -17.33
CA HIS A 87 7.31 -5.02 -17.98
C HIS A 87 7.01 -6.51 -17.89
N LEU A 88 6.22 -6.90 -16.91
CA LEU A 88 5.90 -8.30 -16.74
C LEU A 88 4.94 -8.74 -17.84
N LYS A 89 5.22 -9.90 -18.42
CA LYS A 89 4.36 -10.49 -19.44
C LYS A 89 3.23 -11.32 -18.84
N GLU A 90 3.35 -11.73 -17.58
CA GLU A 90 2.37 -12.49 -16.83
C GLU A 90 2.52 -12.13 -15.37
N PRO A 91 1.50 -12.34 -14.55
CA PRO A 91 1.66 -12.13 -13.11
C PRO A 91 2.81 -12.94 -12.56
N ILE A 92 3.41 -12.44 -11.47
CA ILE A 92 4.27 -13.24 -10.61
C ILE A 92 3.48 -13.58 -9.36
N ILE A 93 3.27 -14.86 -9.11
CA ILE A 93 2.62 -15.30 -7.90
C ILE A 93 3.71 -15.75 -6.94
N VAL A 94 3.78 -15.10 -5.78
CA VAL A 94 4.83 -15.36 -4.80
C VAL A 94 4.27 -16.31 -3.74
N LYS A 95 4.81 -17.54 -3.73
CA LYS A 95 4.39 -18.59 -2.82
C LYS A 95 5.39 -18.85 -1.71
N SER A 96 6.64 -18.44 -1.89
CA SER A 96 7.71 -18.74 -0.95
C SER A 96 8.08 -17.46 -0.21
N GLY A 97 7.96 -17.50 1.11
CA GLY A 97 8.18 -16.35 1.94
C GLY A 97 9.62 -16.23 2.40
N PHE A 98 9.80 -15.57 3.55
CA PHE A 98 11.13 -15.20 4.01
C PHE A 98 11.85 -14.43 2.90
N LEU A 99 11.19 -13.39 2.45
CA LEU A 99 11.62 -12.58 1.32
C LEU A 99 11.63 -11.11 1.73
N THR A 100 12.71 -10.39 1.43
CA THR A 100 12.72 -8.94 1.52
C THR A 100 13.01 -8.40 0.13
N ILE A 101 12.12 -7.59 -0.40
CA ILE A 101 12.37 -6.85 -1.64
C ILE A 101 12.87 -5.46 -1.25
N ALA A 102 14.17 -5.23 -1.40
CA ALA A 102 14.78 -3.97 -0.96
C ALA A 102 14.87 -3.04 -2.16
N GLY A 103 13.75 -2.40 -2.48
CA GLY A 103 13.68 -1.54 -3.66
C GLY A 103 14.58 -0.32 -3.59
N GLN A 104 14.95 0.10 -2.38
CA GLN A 104 15.84 1.24 -2.18
C GLN A 104 17.28 0.97 -2.60
N THR A 105 17.65 -0.28 -2.89
CA THR A 105 18.99 -0.57 -3.40
C THR A 105 19.13 -0.22 -4.88
N SER A 106 18.04 0.07 -5.57
CA SER A 106 18.12 0.39 -6.98
C SER A 106 18.76 1.76 -7.15
N PRO A 107 19.72 1.92 -8.06
CA PRO A 107 20.39 3.24 -8.17
C PRO A 107 19.40 4.37 -8.43
N GLY A 108 18.43 4.17 -9.31
CA GLY A 108 17.46 5.20 -9.63
C GLY A 108 16.03 4.87 -9.24
N GLY A 109 15.65 3.59 -9.28
CA GLY A 109 14.34 3.16 -8.82
C GLY A 109 13.64 2.23 -9.78
N ILE A 110 12.85 1.30 -9.22
CA ILE A 110 12.22 0.22 -9.97
C ILE A 110 10.72 0.43 -10.02
N THR A 111 10.11 0.24 -11.20
CA THR A 111 8.67 0.13 -11.35
C THR A 111 8.32 -1.22 -11.97
N VAL A 112 7.32 -1.91 -11.42
CA VAL A 112 6.80 -3.15 -12.01
C VAL A 112 5.50 -2.81 -12.73
N ALA A 113 5.41 -3.20 -14.00
CA ALA A 113 4.28 -2.86 -14.85
C ALA A 113 3.81 -4.08 -15.60
N GLY A 114 2.66 -3.94 -16.27
CA GLY A 114 2.14 -4.95 -17.18
C GLY A 114 1.35 -6.08 -16.54
N ALA A 115 1.83 -6.59 -15.42
CA ALA A 115 1.13 -7.64 -14.69
C ALA A 115 1.41 -7.45 -13.20
N PRO A 116 0.53 -7.94 -12.33
CA PRO A 116 0.75 -7.79 -10.89
C PRO A 116 1.72 -8.79 -10.29
N VAL A 117 2.40 -8.34 -9.24
CA VAL A 117 3.02 -9.23 -8.26
C VAL A 117 1.93 -9.60 -7.26
N GLN A 118 1.65 -10.89 -7.14
CA GLN A 118 0.58 -11.38 -6.27
C GLN A 118 1.16 -12.30 -5.20
N VAL A 119 1.15 -11.84 -3.95
CA VAL A 119 1.57 -12.70 -2.85
C VAL A 119 0.41 -13.59 -2.44
N SER A 120 0.66 -14.89 -2.34
CA SER A 120 -0.41 -15.88 -2.10
C SER A 120 0.09 -16.95 -1.15
N ASP A 121 -0.54 -17.03 0.04
CA ASP A 121 -0.26 -18.08 1.03
C ASP A 121 1.23 -18.16 1.39
N ALA A 122 1.82 -17.01 1.72
CA ALA A 122 3.23 -16.96 2.04
C ALA A 122 3.44 -16.36 3.43
N ASP A 123 4.64 -16.53 3.96
CA ASP A 123 4.93 -16.10 5.32
C ASP A 123 6.18 -15.23 5.33
N HIS A 124 6.15 -14.16 6.15
CA HIS A 124 7.32 -13.35 6.43
C HIS A 124 7.89 -12.71 5.16
N ILE A 125 7.28 -11.60 4.74
CA ILE A 125 7.66 -10.91 3.51
C ILE A 125 7.69 -9.41 3.79
N ILE A 126 8.82 -8.77 3.46
CA ILE A 126 8.98 -7.32 3.57
C ILE A 126 9.16 -6.77 2.16
N ILE A 127 8.37 -5.74 1.82
CA ILE A 127 8.47 -5.08 0.53
C ILE A 127 8.59 -3.57 0.74
N ARG A 128 9.71 -2.98 0.29
CA ARG A 128 9.95 -1.56 0.52
C ARG A 128 10.47 -0.87 -0.73
N TYR A 129 10.08 0.39 -0.87
CA TYR A 129 10.56 1.29 -1.94
C TYR A 129 10.38 0.69 -3.35
N MET A 130 9.19 0.19 -3.60
CA MET A 130 8.85 -0.42 -4.88
C MET A 130 7.67 0.35 -5.48
N ARG A 131 7.60 0.41 -6.81
CA ARG A 131 6.45 0.97 -7.50
C ARG A 131 5.74 -0.15 -8.25
N PHE A 132 4.42 -0.18 -8.14
CA PHE A 132 3.57 -1.13 -8.88
C PHE A 132 2.56 -0.33 -9.68
N ARG A 133 2.74 -0.27 -11.00
CA ARG A 133 1.88 0.54 -11.87
C ARG A 133 1.50 -0.32 -13.07
N LEU A 134 0.33 -0.97 -13.01
CA LEU A 134 -0.06 -1.93 -14.04
C LEU A 134 -0.02 -1.31 -15.44
N GLY A 135 -0.67 -0.16 -15.64
CA GLY A 135 -0.80 0.42 -16.97
C GLY A 135 -1.87 -0.30 -17.79
N THR A 136 -2.08 0.18 -19.01
CA THR A 136 -3.13 -0.36 -19.89
C THR A 136 -2.49 -1.24 -20.95
N PHE A 137 -2.42 -2.53 -20.65
CA PHE A 137 -1.82 -3.48 -21.56
C PHE A 137 -2.83 -4.59 -21.80
N LYS A 138 -2.55 -5.84 -21.41
CA LYS A 138 -3.45 -6.91 -21.79
C LYS A 138 -4.28 -7.50 -20.67
N LEU A 139 -3.98 -7.23 -19.41
CA LEU A 139 -4.73 -7.85 -18.32
C LEU A 139 -5.62 -6.83 -17.63
N ALA A 140 -6.80 -7.28 -17.22
CA ALA A 140 -7.70 -6.47 -16.38
C ALA A 140 -7.44 -6.74 -14.90
N GLU A 141 -6.23 -6.40 -14.46
CA GLU A 141 -5.72 -6.91 -13.20
C GLU A 141 -5.48 -5.82 -12.16
N ASP A 142 -5.16 -6.27 -10.94
CA ASP A 142 -4.63 -5.39 -9.91
C ASP A 142 -3.20 -4.97 -10.24
N SER A 143 -2.74 -3.89 -9.61
CA SER A 143 -1.32 -3.58 -9.69
C SER A 143 -0.52 -4.46 -8.75
N MET A 144 -1.10 -4.84 -7.61
CA MET A 144 -0.43 -5.68 -6.63
C MET A 144 -1.45 -6.23 -5.63
N SER A 145 -1.25 -7.47 -5.16
CA SER A 145 -2.12 -8.00 -4.12
C SER A 145 -1.33 -8.89 -3.17
N VAL A 146 -1.85 -9.02 -1.95
CA VAL A 146 -1.39 -9.98 -0.95
C VAL A 146 -2.61 -10.64 -0.33
N ARG A 147 -2.63 -11.97 -0.29
CA ARG A 147 -3.81 -12.72 0.13
C ARG A 147 -3.38 -13.97 0.89
N ASN A 148 -4.21 -14.38 1.86
CA ASN A 148 -4.05 -15.65 2.58
C ASN A 148 -2.64 -15.83 3.13
N SER A 149 -1.93 -14.72 3.35
CA SER A 149 -0.59 -14.76 3.89
C SER A 149 -0.61 -14.32 5.35
N ARG A 150 0.58 -14.28 5.94
CA ARG A 150 0.73 -13.83 7.31
C ARG A 150 2.18 -13.47 7.57
N ASP A 151 2.35 -12.52 8.50
CA ASP A 151 3.61 -11.84 8.75
C ASP A 151 4.10 -11.13 7.48
N ILE A 152 3.39 -10.05 7.15
CA ILE A 152 3.65 -9.25 5.95
C ILE A 152 3.77 -7.80 6.35
N ILE A 153 4.74 -7.08 5.78
CA ILE A 153 4.80 -5.63 5.93
C ILE A 153 5.26 -4.99 4.62
N ILE A 154 4.51 -3.97 4.18
CA ILE A 154 4.79 -3.21 2.97
C ILE A 154 4.97 -1.76 3.38
N ASP A 155 6.11 -1.19 3.01
CA ASP A 155 6.48 0.12 3.53
C ASP A 155 6.99 0.97 2.39
N HIS A 156 6.57 2.24 2.34
CA HIS A 156 7.12 3.19 1.38
C HIS A 156 7.06 2.64 -0.04
N CYS A 157 5.89 2.17 -0.44
CA CYS A 157 5.69 1.77 -1.82
C CYS A 157 4.66 2.67 -2.49
N SER A 158 4.67 2.65 -3.83
CA SER A 158 3.69 3.37 -4.64
C SER A 158 2.92 2.39 -5.51
N PHE A 159 1.60 2.56 -5.57
CA PHE A 159 0.72 1.72 -6.38
C PHE A 159 -0.18 2.62 -7.23
N SER A 160 -0.35 2.29 -8.52
CA SER A 160 -1.24 3.12 -9.33
C SER A 160 -1.63 2.39 -10.61
N TRP A 161 -2.57 3.00 -11.35
CA TRP A 161 -2.84 2.68 -12.77
C TRP A 161 -3.37 1.26 -12.99
N SER A 162 -4.18 0.77 -12.06
CA SER A 162 -4.72 -0.57 -12.16
C SER A 162 -5.96 -0.59 -13.04
N VAL A 163 -6.35 -1.78 -13.49
CA VAL A 163 -7.62 -1.96 -14.18
C VAL A 163 -8.67 -2.59 -13.27
N ASP A 164 -8.26 -3.53 -12.43
CA ASP A 164 -9.12 -4.15 -11.41
C ASP A 164 -9.10 -3.27 -10.17
N GLU A 165 -8.22 -3.53 -9.22
CA GLU A 165 -8.06 -2.60 -8.11
C GLU A 165 -6.59 -2.29 -7.94
N THR A 166 -6.28 -1.14 -7.33
CA THR A 166 -4.89 -0.72 -7.32
C THR A 166 -4.04 -1.60 -6.39
N ALA A 167 -4.47 -1.78 -5.13
CA ALA A 167 -3.67 -2.58 -4.21
C ALA A 167 -4.59 -3.28 -3.24
N SER A 168 -4.54 -4.61 -3.23
CA SER A 168 -5.51 -5.40 -2.49
C SER A 168 -4.78 -6.26 -1.49
N PHE A 169 -5.10 -6.06 -0.21
CA PHE A 169 -4.44 -6.71 0.93
C PHE A 169 -5.55 -7.21 1.83
N TYR A 170 -5.99 -8.47 1.66
CA TYR A 170 -7.08 -8.96 2.48
C TYR A 170 -6.85 -10.42 2.87
N ASN A 171 -7.48 -10.82 3.97
CA ASN A 171 -7.41 -12.19 4.48
C ASN A 171 -5.97 -12.59 4.79
N ASN A 172 -5.20 -11.65 5.33
CA ASN A 172 -3.85 -11.87 5.84
C ASN A 172 -3.83 -11.70 7.35
N GLN A 173 -2.87 -12.35 8.01
CA GLN A 173 -2.64 -12.24 9.45
C GLN A 173 -1.36 -11.47 9.73
N ARG A 174 -1.40 -10.54 10.69
CA ARG A 174 -0.21 -9.80 11.10
C ARG A 174 0.41 -9.07 9.90
N PHE A 175 -0.38 -8.13 9.37
CA PHE A 175 -0.08 -7.39 8.15
C PHE A 175 0.01 -5.91 8.47
N THR A 176 0.97 -5.22 7.85
CA THR A 176 1.05 -3.76 7.86
C THR A 176 1.27 -3.25 6.45
N LEU A 177 0.46 -2.26 6.05
CA LEU A 177 0.79 -1.37 4.94
C LEU A 177 1.01 0.03 5.52
N GLN A 178 2.20 0.58 5.34
CA GLN A 178 2.48 1.88 5.94
C GLN A 178 3.27 2.77 4.99
N ASN A 179 3.01 4.08 5.07
CA ASN A 179 3.79 5.08 4.34
C ASN A 179 3.76 4.88 2.82
N SER A 180 2.60 4.49 2.29
CA SER A 180 2.52 4.17 0.87
C SER A 180 1.52 5.08 0.16
N ILE A 181 1.69 5.17 -1.16
CA ILE A 181 0.79 5.93 -2.02
C ILE A 181 0.01 4.92 -2.87
N VAL A 182 -1.31 4.94 -2.74
CA VAL A 182 -2.22 4.12 -3.55
C VAL A 182 -3.10 5.10 -4.27
N ALA A 183 -2.88 5.28 -5.57
CA ALA A 183 -3.54 6.40 -6.25
C ALA A 183 -3.86 6.06 -7.69
N ALA A 184 -4.85 6.77 -8.24
CA ALA A 184 -5.02 6.91 -9.68
C ALA A 184 -5.24 5.55 -10.34
N SER A 185 -6.24 4.84 -9.86
CA SER A 185 -6.73 3.68 -10.57
C SER A 185 -7.32 4.11 -11.90
N LEU A 186 -7.24 3.22 -12.89
CA LEU A 186 -7.85 3.51 -14.17
C LEU A 186 -9.33 3.20 -14.11
N ASN A 187 -10.16 4.17 -14.48
CA ASN A 187 -11.59 4.11 -14.27
C ASN A 187 -12.31 3.47 -15.48
N HIS A 188 -12.51 4.21 -16.56
CA HIS A 188 -13.08 3.63 -17.80
C HIS A 188 -11.94 3.05 -18.61
N SER A 189 -11.63 1.78 -18.38
CA SER A 189 -10.48 1.15 -19.01
C SER A 189 -10.94 -0.09 -19.76
N ILE A 190 -10.19 -1.18 -19.64
CA ILE A 190 -10.41 -2.39 -20.43
C ILE A 190 -11.04 -3.51 -19.60
N HIS A 191 -11.61 -3.20 -18.44
CA HIS A 191 -12.23 -4.26 -17.63
C HIS A 191 -13.53 -4.72 -18.28
N PRO A 192 -13.73 -6.04 -18.42
CA PRO A 192 -14.98 -6.55 -19.01
C PRO A 192 -16.27 -5.96 -18.45
N LYS A 193 -16.36 -5.81 -17.13
CA LYS A 193 -17.59 -5.36 -16.51
C LYS A 193 -17.75 -3.84 -16.50
N GLY A 194 -16.97 -3.10 -17.28
CA GLY A 194 -17.19 -1.67 -17.40
C GLY A 194 -16.21 -0.83 -16.61
N HIS A 195 -16.62 0.40 -16.31
CA HIS A 195 -15.77 1.30 -15.54
C HIS A 195 -15.47 0.69 -14.17
N HIS A 196 -14.28 0.97 -13.66
CA HIS A 196 -13.77 0.10 -12.59
C HIS A 196 -12.60 0.71 -11.83
N GLY A 197 -12.69 2.01 -11.49
CA GLY A 197 -11.58 2.66 -10.82
C GLY A 197 -11.64 2.49 -9.31
N TYR A 198 -10.99 1.44 -8.80
CA TYR A 198 -11.10 1.02 -7.40
C TYR A 198 -9.75 1.10 -6.68
N GLY A 199 -9.78 1.56 -5.43
CA GLY A 199 -8.54 1.64 -4.68
C GLY A 199 -8.01 0.28 -4.28
N GLY A 200 -8.87 -0.58 -3.75
CA GLY A 200 -8.40 -1.88 -3.30
C GLY A 200 -9.33 -2.46 -2.25
N ILE A 201 -9.16 -3.76 -2.01
CA ILE A 201 -9.89 -4.45 -0.94
C ILE A 201 -8.91 -4.72 0.20
N TRP A 202 -9.16 -4.10 1.35
CA TRP A 202 -8.24 -4.16 2.48
C TRP A 202 -8.91 -4.88 3.65
N GLY A 203 -8.19 -5.83 4.25
CA GLY A 203 -8.70 -6.53 5.42
C GLY A 203 -7.65 -7.41 6.04
N GLY A 204 -8.02 -8.08 7.13
CA GLY A 204 -7.16 -9.10 7.69
C GLY A 204 -7.47 -9.44 9.13
N ASN A 205 -6.59 -10.25 9.70
CA ASN A 205 -6.65 -10.75 11.07
C ASN A 205 -5.49 -10.04 11.79
N LYS A 206 -5.80 -8.89 12.39
CA LYS A 206 -4.80 -7.91 12.83
C LYS A 206 -4.02 -7.42 11.61
N ALA A 207 -4.58 -6.44 10.90
CA ALA A 207 -3.89 -5.81 9.77
C ALA A 207 -3.95 -4.31 9.96
N SER A 208 -2.79 -3.67 9.91
CA SER A 208 -2.66 -2.23 10.06
C SER A 208 -2.52 -1.59 8.68
N PHE A 209 -3.24 -0.48 8.48
CA PHE A 209 -3.12 0.37 7.28
C PHE A 209 -2.92 1.79 7.80
N ILE A 210 -1.66 2.27 7.81
CA ILE A 210 -1.31 3.50 8.53
C ILE A 210 -0.42 4.39 7.67
N ASN A 211 -0.61 5.70 7.79
CA ASN A 211 0.27 6.68 7.14
C ASN A 211 0.31 6.48 5.62
N ASN A 212 -0.87 6.29 5.00
CA ASN A 212 -0.96 6.10 3.57
C ASN A 212 -1.74 7.23 2.93
N VAL A 213 -1.44 7.51 1.66
CA VAL A 213 -2.16 8.49 0.86
C VAL A 213 -2.93 7.71 -0.20
N ILE A 214 -4.25 7.85 -0.18
CA ILE A 214 -5.15 7.11 -1.05
C ILE A 214 -5.91 8.14 -1.86
N ALA A 215 -5.56 8.29 -3.15
CA ALA A 215 -6.07 9.45 -3.87
C ALA A 215 -6.55 9.08 -5.27
N HIS A 216 -7.60 9.76 -5.71
CA HIS A 216 -8.09 9.70 -7.10
C HIS A 216 -8.59 8.30 -7.45
N HIS A 217 -9.66 7.88 -6.77
CA HIS A 217 -10.31 6.60 -7.02
C HIS A 217 -11.81 6.81 -7.10
N ASN A 218 -12.45 6.18 -8.08
CA ASN A 218 -13.90 6.30 -8.12
C ASN A 218 -14.53 5.73 -6.86
N SER A 219 -14.04 4.58 -6.39
CA SER A 219 -14.57 3.95 -5.19
C SER A 219 -13.51 3.05 -4.55
N ARG A 220 -13.90 2.44 -3.43
CA ARG A 220 -13.11 1.44 -2.70
C ARG A 220 -11.75 2.01 -2.28
N THR A 221 -11.80 2.92 -1.29
CA THR A 221 -10.62 3.67 -0.87
C THR A 221 -10.24 3.52 0.60
N PRO A 222 -10.21 2.30 1.16
CA PRO A 222 -10.44 0.99 0.57
C PRO A 222 -11.87 0.48 0.77
N ARG A 223 -12.17 -0.64 0.15
CA ARG A 223 -13.32 -1.44 0.57
C ARG A 223 -12.80 -2.38 1.64
N LEU A 224 -13.32 -2.21 2.87
CA LEU A 224 -12.94 -3.12 3.94
C LEU A 224 -13.52 -4.49 3.67
N ASN A 225 -12.67 -5.53 3.70
CA ASN A 225 -13.13 -6.86 3.29
C ASN A 225 -14.25 -7.38 4.18
N GLY A 226 -14.13 -7.18 5.50
CA GLY A 226 -14.98 -7.94 6.40
C GLY A 226 -14.56 -9.40 6.34
N SER A 227 -15.41 -10.26 6.88
CA SER A 227 -15.20 -11.70 6.74
C SER A 227 -15.83 -12.13 5.43
N ARG A 228 -15.06 -12.01 4.34
CA ARG A 228 -15.52 -12.40 3.01
C ARG A 228 -14.40 -13.05 2.23
N LEU A 229 -14.76 -13.57 1.06
CA LEU A 229 -13.80 -14.00 0.05
C LEU A 229 -12.94 -15.17 0.54
N LYS A 230 -13.61 -16.15 1.16
CA LYS A 230 -13.05 -17.46 1.51
C LYS A 230 -11.94 -17.31 2.54
N PRO A 231 -12.25 -16.78 3.72
CA PRO A 231 -11.22 -16.47 4.70
C PRO A 231 -10.62 -17.73 5.28
N PRO A 232 -9.32 -17.75 5.57
CA PRO A 232 -8.70 -18.92 6.21
C PRO A 232 -8.67 -18.86 7.72
N TYR A 233 -9.35 -17.88 8.33
CA TYR A 233 -9.51 -17.77 9.77
C TYR A 233 -10.95 -17.36 10.03
N ASP A 234 -11.41 -17.56 11.26
CA ASP A 234 -12.83 -17.37 11.54
C ASP A 234 -13.14 -15.89 11.76
N GLU A 235 -14.39 -15.52 11.46
CA GLU A 235 -14.78 -14.13 11.41
C GLU A 235 -14.56 -13.36 12.72
N GLN A 236 -14.47 -14.05 13.86
CA GLN A 236 -14.29 -13.24 15.06
C GLN A 236 -12.87 -12.68 15.15
N PHE A 237 -11.97 -13.12 14.28
CA PHE A 237 -10.61 -12.59 14.21
C PHE A 237 -10.44 -11.54 13.11
N GLU A 238 -11.46 -11.24 12.32
CA GLU A 238 -11.34 -10.20 11.30
C GLU A 238 -11.21 -8.86 11.99
N PHE A 239 -10.00 -8.29 11.97
CA PHE A 239 -9.70 -7.09 12.75
C PHE A 239 -8.69 -6.22 12.03
N VAL A 240 -9.08 -4.98 11.76
CA VAL A 240 -8.31 -4.03 10.96
C VAL A 240 -8.19 -2.71 11.72
N GLU A 241 -7.00 -2.09 11.67
CA GLU A 241 -6.85 -0.72 12.17
C GLU A 241 -6.42 0.19 11.02
N PHE A 242 -7.17 1.28 10.81
CA PHE A 242 -7.04 2.19 9.68
C PHE A 242 -6.86 3.57 10.29
N SER A 243 -5.66 4.14 10.20
CA SER A 243 -5.39 5.34 10.98
C SER A 243 -4.31 6.15 10.31
N ASN A 244 -4.36 7.47 10.55
CA ASN A 244 -3.40 8.41 9.97
C ASN A 244 -3.26 8.22 8.46
N ASN A 245 -4.36 7.91 7.78
CA ASN A 245 -4.34 7.89 6.32
C ASN A 245 -5.02 9.15 5.78
N ILE A 246 -4.64 9.51 4.56
CA ILE A 246 -5.22 10.67 3.87
C ILE A 246 -5.93 10.12 2.65
N ILE A 247 -7.26 10.27 2.61
CA ILE A 247 -8.06 9.86 1.47
C ILE A 247 -8.45 11.12 0.73
N PHE A 248 -8.11 11.19 -0.53
CA PHE A 248 -8.34 12.41 -1.30
C PHE A 248 -9.01 12.08 -2.62
N ASN A 249 -10.01 12.88 -2.97
CA ASN A 249 -10.68 12.74 -4.26
C ASN A 249 -11.10 11.30 -4.53
N TRP A 250 -11.95 10.79 -3.66
CA TRP A 250 -12.71 9.60 -3.99
C TRP A 250 -13.88 10.00 -4.89
N GLY A 251 -14.62 9.00 -5.37
CA GLY A 251 -15.71 9.31 -6.29
C GLY A 251 -17.06 9.11 -5.66
N SER A 252 -17.76 8.05 -6.08
CA SER A 252 -19.12 7.78 -5.61
C SER A 252 -19.15 7.18 -4.22
N ASN A 253 -18.07 6.56 -3.78
CA ASN A 253 -18.01 6.00 -2.43
C ASN A 253 -16.57 6.11 -1.96
N ASN A 254 -16.35 5.97 -0.65
CA ASN A 254 -14.95 5.95 -0.23
C ASN A 254 -14.66 4.68 0.58
N VAL A 255 -14.76 4.74 1.90
CA VAL A 255 -14.50 3.57 2.73
C VAL A 255 -15.82 2.86 2.97
N TYR A 256 -15.88 1.57 2.65
CA TYR A 256 -17.14 0.88 2.88
C TYR A 256 -16.91 -0.61 2.99
N GLY A 257 -17.92 -1.30 3.54
CA GLY A 257 -17.89 -2.74 3.62
C GLY A 257 -17.80 -3.26 5.03
N SER A 258 -16.81 -4.13 5.28
CA SER A 258 -16.49 -4.63 6.61
C SER A 258 -17.64 -5.44 7.20
N GLU A 259 -18.29 -6.25 6.36
CA GLU A 259 -19.34 -7.15 6.81
C GLU A 259 -18.80 -8.09 7.89
N ASN A 260 -19.36 -8.00 9.09
CA ASN A 260 -19.01 -8.88 10.20
C ASN A 260 -17.53 -8.79 10.56
N GLY A 261 -16.89 -7.65 10.31
CA GLY A 261 -15.51 -7.45 10.71
C GLY A 261 -15.38 -6.20 11.55
N ARG A 262 -14.47 -6.24 12.51
CA ARG A 262 -14.25 -5.12 13.41
C ARG A 262 -13.10 -4.26 12.90
N PHE A 263 -13.10 -2.99 13.31
CA PHE A 263 -12.03 -2.12 12.89
C PHE A 263 -11.97 -0.89 13.79
N ASN A 264 -10.77 -0.34 13.94
CA ASN A 264 -10.57 0.99 14.47
C ASN A 264 -10.35 1.93 13.30
N LEU A 265 -10.98 3.10 13.32
CA LEU A 265 -10.78 4.08 12.25
C LEU A 265 -10.49 5.43 12.91
N ILE A 266 -9.20 5.76 13.05
CA ILE A 266 -8.76 6.79 13.99
C ILE A 266 -7.83 7.80 13.31
N ASN A 267 -8.15 9.09 13.44
CA ASN A 267 -7.25 10.20 13.07
C ASN A 267 -6.81 10.11 11.60
N ASN A 268 -7.75 9.79 10.73
CA ASN A 268 -7.53 9.88 9.30
C ASN A 268 -7.98 11.24 8.79
N ILE A 269 -7.51 11.60 7.60
CA ILE A 269 -7.90 12.86 7.00
C ILE A 269 -8.66 12.54 5.74
N TYR A 270 -9.85 13.13 5.62
CA TYR A 270 -10.74 12.94 4.47
C TYR A 270 -10.84 14.27 3.75
N LYS A 271 -10.37 14.32 2.51
CA LYS A 271 -10.35 15.58 1.77
C LYS A 271 -11.07 15.34 0.46
N PRO A 272 -12.33 15.79 0.34
CA PRO A 272 -13.03 15.67 -0.95
C PRO A 272 -12.26 16.38 -2.04
N GLY A 273 -12.29 15.80 -3.24
CA GLY A 273 -11.75 16.45 -4.41
C GLY A 273 -12.85 16.71 -5.43
N PRO A 274 -12.49 17.18 -6.63
CA PRO A 274 -13.50 17.55 -7.62
C PRO A 274 -14.36 16.38 -8.08
N ALA A 275 -14.01 15.14 -7.74
CA ALA A 275 -14.81 13.98 -8.12
C ALA A 275 -15.71 13.47 -7.01
N SER A 276 -15.58 14.00 -5.80
CA SER A 276 -16.13 13.33 -4.63
C SER A 276 -17.63 13.60 -4.51
N LYS A 277 -18.41 12.53 -4.45
CA LYS A 277 -19.85 12.61 -4.25
C LYS A 277 -20.26 12.20 -2.85
N ALA A 278 -19.80 11.06 -2.35
CA ALA A 278 -20.17 10.64 -1.01
C ALA A 278 -19.53 11.55 0.04
N ILE A 279 -20.33 12.09 0.95
CA ILE A 279 -19.79 12.86 2.07
C ILE A 279 -19.99 12.05 3.35
N GLN A 280 -18.97 11.25 3.70
CA GLN A 280 -19.05 10.26 4.78
C GLN A 280 -17.63 9.84 5.18
N LEU A 281 -17.51 9.29 6.38
CA LEU A 281 -16.29 8.58 6.75
C LEU A 281 -16.33 7.10 6.41
N VAL A 282 -17.49 6.45 6.48
CA VAL A 282 -17.56 5.01 6.21
C VAL A 282 -19.00 4.61 5.88
N ASP A 283 -19.13 3.61 5.03
CA ASP A 283 -20.40 3.00 4.63
C ASP A 283 -20.35 1.58 5.18
N LEU A 284 -20.84 1.41 6.40
CA LEU A 284 -20.74 0.12 7.06
C LEU A 284 -21.84 -0.79 6.54
N TRP A 285 -21.44 -1.95 6.06
CA TRP A 285 -22.40 -2.87 5.45
C TRP A 285 -22.98 -3.85 6.48
N TYR A 286 -24.05 -4.54 6.06
CA TYR A 286 -24.85 -5.36 6.96
C TYR A 286 -24.02 -6.44 7.66
N SER A 287 -24.08 -6.44 8.99
CA SER A 287 -23.15 -7.20 9.84
C SER A 287 -23.91 -7.94 10.95
N PRO A 288 -24.74 -8.91 10.60
CA PRO A 288 -25.63 -9.52 11.60
C PRO A 288 -24.91 -10.26 12.70
N ASN A 289 -23.67 -10.69 12.50
CA ASN A 289 -22.98 -11.44 13.53
C ASN A 289 -22.21 -10.57 14.51
N ILE A 290 -22.32 -9.25 14.40
CA ILE A 290 -21.80 -8.33 15.40
C ILE A 290 -22.94 -7.40 15.74
N THR A 291 -23.32 -7.35 17.01
CA THR A 291 -24.37 -6.47 17.43
C THR A 291 -23.89 -5.32 18.30
N LYS A 292 -22.73 -5.44 18.95
CA LYS A 292 -22.21 -4.30 19.69
C LYS A 292 -20.71 -4.16 19.49
N SER A 293 -20.26 -2.90 19.48
CA SER A 293 -18.84 -2.55 19.47
C SER A 293 -18.14 -3.16 18.25
N GLN A 294 -18.73 -2.94 17.08
CA GLN A 294 -18.09 -3.40 15.84
C GLN A 294 -16.92 -2.50 15.47
N ALA A 295 -17.05 -1.19 15.66
CA ALA A 295 -15.99 -0.27 15.29
C ALA A 295 -15.84 0.85 16.32
N TYR A 296 -14.63 1.39 16.41
CA TYR A 296 -14.33 2.64 17.09
C TYR A 296 -13.88 3.65 16.05
N ILE A 297 -14.52 4.82 16.02
CA ILE A 297 -14.37 5.80 14.94
C ILE A 297 -14.27 7.19 15.57
N SER A 298 -13.08 7.77 15.55
CA SER A 298 -12.86 8.99 16.34
C SER A 298 -11.67 9.76 15.78
N GLY A 299 -11.70 11.07 15.95
CA GLY A 299 -10.57 11.90 15.60
C GLY A 299 -10.35 12.13 14.12
N ASN A 300 -11.24 11.61 13.28
CA ASN A 300 -11.09 11.80 11.85
C ASN A 300 -11.44 13.24 11.47
N TYR A 301 -10.60 13.86 10.65
CA TYR A 301 -10.78 15.24 10.22
C TYR A 301 -11.37 15.21 8.80
N PHE A 302 -12.54 15.81 8.64
CA PHE A 302 -13.18 15.92 7.35
C PHE A 302 -12.96 17.35 6.84
N VAL A 303 -12.10 17.49 5.85
CA VAL A 303 -11.85 18.78 5.24
C VAL A 303 -13.16 19.35 4.71
N GLY A 304 -13.52 20.54 5.20
CA GLY A 304 -14.70 21.22 4.69
C GLY A 304 -16.01 20.74 5.25
N ASP A 305 -16.02 19.98 6.35
CA ASP A 305 -17.25 19.62 7.07
C ASP A 305 -16.95 19.61 8.57
N GLU A 306 -17.13 20.78 9.19
CA GLU A 306 -16.87 20.97 10.61
C GLU A 306 -17.77 20.10 11.50
N LYS A 307 -18.96 19.73 11.02
CA LYS A 307 -19.88 18.92 11.83
C LYS A 307 -19.42 17.46 11.92
N ILE A 308 -18.98 16.88 10.79
CA ILE A 308 -18.43 15.53 10.82
C ILE A 308 -17.15 15.51 11.65
N THR A 309 -16.31 16.53 11.48
CA THR A 309 -15.06 16.62 12.22
C THR A 309 -15.31 16.66 13.74
N ALA A 310 -16.26 17.49 14.17
CA ALA A 310 -16.54 17.59 15.61
C ALA A 310 -17.20 16.34 16.17
N ASP A 311 -18.02 15.64 15.39
CA ASP A 311 -18.69 14.42 15.82
C ASP A 311 -18.67 13.44 14.64
N ASN A 312 -17.79 12.44 14.71
CA ASN A 312 -17.55 11.56 13.56
C ASN A 312 -18.77 10.72 13.21
N ARG A 313 -19.65 10.43 14.18
CA ARG A 313 -20.80 9.56 13.91
C ARG A 313 -21.74 10.17 12.88
N LEU A 314 -21.74 11.50 12.75
CA LEU A 314 -22.49 12.17 11.70
C LEU A 314 -22.02 11.79 10.29
N GLY A 315 -20.86 11.12 10.16
CA GLY A 315 -20.38 10.66 8.88
C GLY A 315 -20.32 9.15 8.78
N VAL A 316 -21.02 8.45 9.67
CA VAL A 316 -21.01 6.99 9.73
C VAL A 316 -22.38 6.49 9.28
N ASN A 317 -22.40 5.70 8.22
CA ASN A 317 -23.62 5.12 7.68
C ASN A 317 -23.61 3.62 7.95
N TYR A 318 -24.79 3.04 8.13
CA TYR A 318 -24.91 1.60 8.34
C TYR A 318 -26.01 1.05 7.46
N ARG A 319 -25.80 -0.17 6.95
CA ARG A 319 -26.79 -0.84 6.11
C ARG A 319 -27.51 -1.87 6.97
N THR A 320 -28.80 -1.58 7.21
CA THR A 320 -29.71 -2.40 8.01
C THR A 320 -29.87 -3.82 7.53
N SER A 321 -29.78 -4.06 6.23
CA SER A 321 -30.04 -5.37 5.68
C SER A 321 -29.09 -5.60 4.52
N LYS A 322 -29.22 -6.77 3.88
CA LYS A 322 -28.32 -7.07 2.77
C LYS A 322 -28.58 -6.15 1.58
N ASP A 323 -29.81 -5.67 1.42
CA ASP A 323 -30.18 -4.86 0.28
C ASP A 323 -30.64 -3.48 0.67
N ALA A 324 -30.52 -3.12 1.94
CA ALA A 324 -30.82 -1.78 2.41
C ALA A 324 -29.87 -0.77 1.76
N LYS A 325 -30.31 0.49 1.74
CA LYS A 325 -29.47 1.59 1.31
C LYS A 325 -28.68 2.15 2.49
N ARG A 326 -27.65 2.95 2.16
CA ARG A 326 -26.97 3.80 3.13
C ARG A 326 -27.97 4.66 3.90
N LYS A 327 -27.98 4.55 5.23
CA LYS A 327 -28.49 5.65 6.05
C LYS A 327 -27.59 5.86 7.25
N ASN A 328 -27.60 7.10 7.75
CA ASN A 328 -26.88 7.50 8.95
C ASN A 328 -27.10 6.50 10.07
N ILE A 329 -26.00 6.05 10.67
CA ILE A 329 -26.12 5.25 11.86
C ILE A 329 -26.84 6.08 12.92
N SER A 330 -27.76 5.45 13.62
CA SER A 330 -28.50 6.12 14.68
C SER A 330 -27.55 6.43 15.84
N MET A 331 -27.71 7.62 16.44
CA MET A 331 -26.63 8.22 17.22
C MET A 331 -26.27 7.44 18.48
N ASP A 332 -27.23 6.79 19.13
CA ASP A 332 -26.95 5.99 20.32
C ASP A 332 -26.70 4.53 19.97
N ASP A 333 -26.40 4.23 18.71
CA ASP A 333 -26.16 2.85 18.32
C ASP A 333 -24.83 2.37 18.89
N LYS A 334 -24.87 1.22 19.59
CA LYS A 334 -23.72 0.66 20.28
C LYS A 334 -22.81 -0.16 19.37
N ARG A 335 -23.26 -0.47 18.16
CA ARG A 335 -22.36 -0.93 17.10
C ARG A 335 -21.07 -0.10 17.12
N LEU A 336 -21.21 1.19 17.36
CA LEU A 336 -20.06 2.06 17.57
C LEU A 336 -19.59 1.97 19.02
N SER A 337 -18.35 1.59 19.20
CA SER A 337 -17.78 1.50 20.53
C SER A 337 -17.32 2.88 21.03
N ARG A 338 -17.42 3.03 22.35
CA ARG A 338 -17.00 4.23 23.04
C ARG A 338 -15.48 4.33 23.18
N VAL A 339 -14.78 3.19 23.18
CA VAL A 339 -13.34 3.13 23.40
C VAL A 339 -12.67 2.35 22.28
N LYS A 340 -11.38 2.62 22.08
CA LYS A 340 -10.63 1.97 21.02
C LYS A 340 -10.65 0.47 21.20
N LEU A 341 -10.92 -0.25 20.11
CA LEU A 341 -11.04 -1.70 20.18
C LEU A 341 -9.67 -2.37 20.16
N GLU A 342 -9.66 -3.67 20.47
CA GLU A 342 -8.47 -4.51 20.50
C GLU A 342 -8.84 -5.87 19.94
N PRO A 343 -7.92 -6.49 19.21
CA PRO A 343 -8.17 -7.86 18.72
C PRO A 343 -8.16 -8.82 19.89
N ILE A 344 -8.94 -9.89 19.75
CA ILE A 344 -9.03 -10.86 20.84
C ILE A 344 -7.83 -11.81 20.88
N ASN A 345 -7.03 -11.86 19.82
CA ASN A 345 -5.93 -12.83 19.72
C ASN A 345 -4.57 -12.17 19.86
N GLY A 346 -3.73 -12.79 20.67
CA GLY A 346 -2.31 -12.57 20.89
C GLY A 346 -1.92 -11.12 21.06
N ALA A 347 -0.66 -10.83 20.70
CA ALA A 347 -0.04 -9.53 20.97
C ALA A 347 -0.79 -8.38 20.28
N VAL A 348 -1.13 -7.36 21.06
CA VAL A 348 -1.78 -6.20 20.51
C VAL A 348 -0.70 -5.23 20.06
N ASN A 349 -0.03 -5.55 18.94
CA ASN A 349 0.99 -4.69 18.36
C ASN A 349 0.39 -3.53 17.57
N SER A 350 -0.53 -2.79 18.19
CA SER A 350 -1.18 -1.69 17.50
C SER A 350 -0.20 -0.56 17.21
N ALA A 351 -0.41 0.11 16.08
CA ALA A 351 0.51 1.16 15.66
C ALA A 351 0.38 2.37 16.56
N THR A 352 1.44 3.19 16.58
CA THR A 352 1.37 4.50 17.22
C THR A 352 0.53 5.42 16.34
N ILE A 353 -0.44 6.10 16.94
CA ILE A 353 -1.32 7.00 16.21
C ILE A 353 -0.93 8.43 16.53
N ASN A 354 -0.69 9.22 15.50
CA ASN A 354 -0.34 10.62 15.68
C ASN A 354 -1.55 11.51 15.42
N SER A 355 -1.35 12.81 15.57
CA SER A 355 -2.43 13.74 15.30
C SER A 355 -2.69 13.85 13.80
N THR A 356 -3.89 14.32 13.44
CA THR A 356 -4.17 14.55 12.04
C THR A 356 -3.29 15.64 11.48
N GLN A 357 -2.96 16.65 12.31
CA GLN A 357 -2.10 17.75 11.87
C GLN A 357 -0.70 17.24 11.54
N LYS A 358 -0.12 16.43 12.42
CA LYS A 358 1.20 15.86 12.14
C LYS A 358 1.16 14.94 10.93
N THR A 359 0.10 14.12 10.81
CA THR A 359 -0.04 13.26 9.64
C THR A 359 0.01 14.07 8.36
N TYR A 360 -0.78 15.15 8.28
CA TYR A 360 -0.78 15.93 7.06
C TYR A 360 0.61 16.47 6.75
N SER A 361 1.30 16.99 7.78
CA SER A 361 2.66 17.51 7.61
C SER A 361 3.61 16.44 7.08
N THR A 362 3.55 15.25 7.67
CA THR A 362 4.52 14.22 7.33
C THR A 362 4.30 13.68 5.91
N LEU A 363 3.05 13.36 5.55
CA LEU A 363 2.83 12.75 4.25
C LEU A 363 2.79 13.79 3.13
N ILE A 364 2.23 14.97 3.38
CA ILE A 364 2.02 15.94 2.30
C ILE A 364 3.09 17.03 2.28
N LYS A 365 3.57 17.49 3.44
CA LYS A 365 4.59 18.55 3.41
C LYS A 365 6.00 17.98 3.39
N GLU A 366 6.31 17.07 4.32
CA GLU A 366 7.59 16.38 4.30
C GLU A 366 7.65 15.35 3.18
N LYS A 367 6.49 14.92 2.70
CA LYS A 367 6.38 13.92 1.63
C LYS A 367 7.10 12.63 2.00
N ASN A 368 6.98 12.23 3.27
CA ASN A 368 7.57 10.97 3.70
C ASN A 368 6.58 9.83 3.50
N VAL A 369 6.39 9.49 2.22
CA VAL A 369 5.41 8.48 1.84
C VAL A 369 5.75 8.02 0.43
N GLY A 370 5.28 6.84 0.05
CA GLY A 370 5.57 6.31 -1.26
C GLY A 370 7.03 5.87 -1.38
N ALA A 371 7.37 5.34 -2.57
CA ALA A 371 8.74 4.93 -2.86
C ALA A 371 9.59 6.19 -3.02
N ASN A 372 10.10 6.71 -1.90
CA ASN A 372 10.72 8.05 -1.92
C ASN A 372 12.24 8.03 -1.69
N PHE A 373 12.90 6.87 -1.83
CA PHE A 373 14.36 6.78 -1.89
C PHE A 373 14.79 5.85 -3.02
N ASN A 374 15.96 6.11 -3.57
CA ASN A 374 16.74 5.07 -4.27
C ASN A 374 18.12 4.99 -3.60
N ALA A 375 19.03 4.21 -4.18
CA ALA A 375 20.32 3.99 -3.54
C ALA A 375 21.14 5.26 -3.49
N ASN A 376 20.74 6.28 -4.23
CA ASN A 376 21.50 7.50 -4.21
C ASN A 376 20.93 8.54 -3.26
N GLY A 377 19.77 8.28 -2.64
CA GLY A 377 19.17 9.14 -1.63
C GLY A 377 17.71 9.40 -1.95
N MET A 378 17.15 10.44 -1.31
CA MET A 378 15.75 10.80 -1.50
C MET A 378 15.43 11.00 -2.96
N PHE A 379 14.26 10.52 -3.38
CA PHE A 379 13.75 10.77 -4.72
C PHE A 379 12.31 10.30 -4.79
N LEU A 380 11.42 11.22 -5.17
CA LEU A 380 10.02 10.92 -5.38
C LEU A 380 9.73 11.20 -6.84
N ASP A 381 9.29 10.18 -7.58
CA ASP A 381 9.15 10.30 -9.02
C ASP A 381 8.04 11.30 -9.37
N ASN A 382 7.95 11.65 -10.65
CA ASN A 382 7.08 12.75 -11.01
C ASN A 382 5.60 12.40 -10.83
N ILE A 383 5.27 11.11 -10.90
CA ILE A 383 3.88 10.70 -10.73
C ILE A 383 3.46 10.86 -9.27
N ASP A 384 4.26 10.31 -8.33
CA ASP A 384 3.96 10.49 -6.91
C ASP A 384 4.00 11.96 -6.52
N THR A 385 4.96 12.72 -7.04
CA THR A 385 5.07 14.14 -6.65
C THR A 385 3.82 14.89 -7.02
N GLN A 386 3.34 14.68 -8.25
CA GLN A 386 2.10 15.27 -8.69
C GLN A 386 0.95 14.92 -7.74
N VAL A 387 0.84 13.65 -7.33
CA VAL A 387 -0.31 13.24 -6.53
C VAL A 387 -0.31 13.99 -5.21
N LEU A 388 0.85 14.06 -4.56
CA LEU A 388 0.91 14.77 -3.28
C LEU A 388 0.65 16.25 -3.46
N ASN A 389 1.14 16.83 -4.57
CA ASN A 389 0.94 18.25 -4.81
C ASN A 389 -0.53 18.55 -5.07
N GLN A 390 -1.23 17.63 -5.75
CA GLN A 390 -2.66 17.81 -5.97
C GLN A 390 -3.44 17.68 -4.66
N VAL A 391 -3.10 16.71 -3.83
CA VAL A 391 -3.69 16.66 -2.49
C VAL A 391 -3.55 18.02 -1.81
N ASP A 392 -2.35 18.60 -1.87
CA ASP A 392 -2.10 19.86 -1.17
C ASP A 392 -2.72 21.06 -1.86
N GLY A 393 -3.13 20.95 -3.13
CA GLY A 393 -3.65 22.08 -3.85
C GLY A 393 -2.61 22.97 -4.49
N SER A 394 -1.35 22.58 -4.47
CA SER A 394 -0.30 23.37 -5.10
C SER A 394 -0.13 23.07 -6.58
N THR A 395 -0.84 22.07 -7.10
CA THR A 395 -0.79 21.74 -8.50
C THR A 395 -2.23 21.44 -8.86
N PRO A 396 -2.69 21.85 -10.04
CA PRO A 396 -4.10 21.70 -10.38
C PRO A 396 -4.46 20.27 -10.80
N ILE A 397 -5.77 20.03 -10.83
CA ILE A 397 -6.34 18.76 -11.23
C ILE A 397 -7.24 19.01 -12.42
N ASN A 398 -7.05 18.23 -13.48
CA ASN A 398 -7.83 18.38 -14.71
C ASN A 398 -9.16 17.64 -14.53
N GLY A 399 -10.24 18.39 -14.40
CA GLY A 399 -11.56 17.79 -14.44
C GLY A 399 -11.88 17.14 -13.10
N LYS A 400 -12.45 15.93 -13.16
CA LYS A 400 -12.74 15.20 -11.94
C LYS A 400 -11.50 14.58 -11.33
N GLY A 401 -10.42 14.45 -12.10
CA GLY A 401 -9.19 13.87 -11.60
C GLY A 401 -9.14 12.38 -11.65
N LEU A 402 -10.12 11.73 -12.27
CA LEU A 402 -10.17 10.28 -12.34
C LEU A 402 -9.79 9.90 -13.75
N ILE A 403 -8.60 9.35 -13.90
CA ILE A 403 -8.06 9.06 -15.22
C ILE A 403 -8.61 7.73 -15.73
N ASN A 404 -8.60 7.59 -17.06
CA ASN A 404 -8.99 6.33 -17.69
C ASN A 404 -7.78 5.59 -18.22
N SER A 405 -6.65 6.27 -18.32
CA SER A 405 -5.43 5.72 -18.89
C SER A 405 -4.26 6.45 -18.27
N GLU A 406 -3.17 5.71 -18.04
CA GLU A 406 -1.94 6.37 -17.60
C GLU A 406 -1.42 7.33 -18.64
N LEU A 407 -1.84 7.19 -19.89
CA LEU A 407 -1.35 8.07 -20.94
C LEU A 407 -1.90 9.48 -20.86
N GLU A 408 -2.88 9.75 -20.00
CA GLU A 408 -3.21 11.12 -19.65
C GLU A 408 -2.20 11.73 -18.69
N MET A 409 -1.44 10.88 -17.97
CA MET A 409 -0.51 11.28 -16.92
CA MET A 409 -0.52 11.37 -16.98
C MET A 409 0.94 11.23 -17.39
N ILE A 410 1.24 10.39 -18.37
CA ILE A 410 2.59 10.29 -18.94
C ILE A 410 2.46 10.29 -20.46
N LYS A 411 3.43 10.92 -21.13
CA LYS A 411 3.40 10.92 -22.59
C LYS A 411 3.54 9.50 -23.13
N SER A 412 4.47 8.73 -22.59
CA SER A 412 4.70 7.36 -23.03
C SER A 412 5.41 6.63 -21.91
N TRP A 413 5.37 5.29 -21.98
CA TRP A 413 6.07 4.50 -20.98
C TRP A 413 7.57 4.73 -21.04
N GLU A 414 8.11 4.79 -22.26
CA GLU A 414 9.54 5.05 -22.44
C GLU A 414 9.93 6.37 -21.78
N GLU A 415 9.04 7.35 -21.83
CA GLU A 415 9.32 8.68 -21.31
C GLU A 415 9.25 8.71 -19.79
N TYR A 416 8.32 7.96 -19.22
CA TYR A 416 8.23 7.85 -17.76
C TYR A 416 9.47 7.18 -17.18
N GLU A 417 10.05 6.22 -17.91
CA GLU A 417 11.21 5.49 -17.41
C GLU A 417 12.46 6.35 -17.36
N ARG A 418 12.61 7.34 -18.26
CA ARG A 418 13.87 8.06 -18.37
C ARG A 418 14.31 8.63 -17.03
N GLN A 419 13.37 9.19 -16.25
CA GLN A 419 13.72 9.83 -14.99
C GLN A 419 14.47 8.90 -14.05
N PHE A 420 14.26 7.60 -14.17
CA PHE A 420 14.91 6.63 -13.29
C PHE A 420 16.29 6.22 -13.76
N LEU A 421 16.71 6.66 -14.95
CA LEU A 421 17.96 6.22 -15.54
C LEU A 421 19.12 7.18 -15.29
N GLY A 422 18.85 8.33 -14.70
CA GLY A 422 19.83 9.39 -14.64
C GLY A 422 20.49 9.53 -13.27
N PHE A 423 20.56 8.41 -12.54
CA PHE A 423 21.22 8.46 -11.24
C PHE A 423 22.55 7.72 -11.30
N PRO A 424 23.54 8.12 -10.51
CA PRO A 424 24.85 7.44 -10.55
C PRO A 424 24.72 5.94 -10.31
N ASP A 425 25.46 5.16 -11.09
CA ASP A 425 25.58 3.74 -10.88
C ASP A 425 26.07 3.43 -9.45
N ILE A 426 25.64 2.30 -8.93
CA ILE A 426 26.15 1.76 -7.67
C ILE A 426 27.21 0.74 -8.03
N ILE A 427 28.47 1.03 -7.69
CA ILE A 427 29.59 0.15 -8.04
C ILE A 427 29.63 -1.03 -7.08
N ASP A 428 29.52 -2.24 -7.61
CA ASP A 428 29.51 -3.45 -6.81
C ASP A 428 30.42 -4.51 -7.44
N LYS A 429 31.73 -4.24 -7.47
CA LYS A 429 32.67 -5.15 -8.15
C LYS A 429 32.59 -6.57 -7.59
N ASN A 430 32.58 -6.73 -6.27
CA ASN A 430 32.61 -8.07 -5.70
C ASN A 430 31.23 -8.74 -5.65
N LYS A 431 30.18 -8.03 -6.07
CA LYS A 431 28.84 -8.60 -6.23
C LYS A 431 28.26 -9.09 -4.91
N ASP A 432 28.49 -8.34 -3.82
CA ASP A 432 27.85 -8.65 -2.55
C ASP A 432 26.62 -7.79 -2.27
N GLY A 433 26.16 -6.99 -3.24
CA GLY A 433 25.00 -6.15 -2.99
C GLY A 433 25.29 -4.94 -2.12
N ILE A 434 26.55 -4.69 -1.80
CA ILE A 434 26.96 -3.56 -0.97
C ILE A 434 27.69 -2.57 -1.85
N ASN A 435 27.24 -1.32 -1.85
CA ASN A 435 27.89 -0.23 -2.56
C ASN A 435 29.38 -0.22 -2.24
N ASP A 436 30.25 -0.51 -3.22
CA ASP A 436 31.69 -0.54 -2.93
C ASP A 436 32.15 0.73 -2.22
N ARG A 437 31.67 1.90 -2.65
CA ARG A 437 32.14 3.14 -2.04
C ARG A 437 31.69 3.26 -0.58
N TRP A 438 30.54 2.68 -0.22
CA TRP A 438 30.12 2.69 1.18
C TRP A 438 30.96 1.71 2.00
N ALA A 439 31.42 0.64 1.37
CA ALA A 439 32.32 -0.31 2.02
C ALA A 439 33.65 0.37 2.35
N ALA A 440 34.21 1.09 1.38
CA ALA A 440 35.46 1.81 1.61
C ALA A 440 35.35 2.82 2.75
N LYS A 441 34.17 3.41 2.95
CA LYS A 441 34.00 4.41 4.00
C LYS A 441 33.58 3.81 5.34
N ASN A 442 33.25 2.52 5.40
CA ASN A 442 32.82 1.86 6.64
C ASN A 442 33.61 0.56 6.81
N PRO A 443 34.91 0.67 7.07
CA PRO A 443 35.77 -0.53 7.03
C PRO A 443 35.42 -1.58 8.07
N THR A 444 35.10 -1.19 9.31
CA THR A 444 34.86 -2.16 10.37
C THR A 444 33.57 -2.93 10.16
N ASN A 445 32.78 -2.52 9.19
CA ASN A 445 31.41 -2.98 9.03
C ASN A 445 31.08 -3.29 7.57
N GLN A 446 32.09 -3.38 6.71
CA GLN A 446 31.92 -3.26 5.27
C GLN A 446 31.19 -4.44 4.63
N HIS A 447 31.00 -5.54 5.35
CA HIS A 447 30.29 -6.68 4.80
C HIS A 447 28.87 -6.81 5.34
N ASN A 448 28.44 -5.89 6.20
CA ASN A 448 27.12 -5.93 6.81
C ASN A 448 26.10 -5.41 5.80
N ILE A 449 25.42 -6.34 5.11
CA ILE A 449 24.40 -5.95 4.10
C ILE A 449 23.23 -5.22 4.76
N ASN A 450 22.78 -5.67 5.94
CA ASN A 450 21.72 -4.96 6.64
C ASN A 450 22.12 -3.53 6.97
N ALA A 451 23.35 -3.34 7.46
CA ALA A 451 23.78 -1.99 7.84
C ALA A 451 23.91 -1.10 6.62
N TYR A 452 24.35 -1.67 5.49
CA TYR A 452 24.41 -0.88 4.26
C TYR A 452 23.01 -0.45 3.83
N ILE A 453 22.05 -1.39 3.80
CA ILE A 453 20.72 -1.07 3.31
C ILE A 453 20.04 -0.05 4.23
N ASN A 454 20.20 -0.21 5.55
CA ASN A 454 19.73 0.83 6.47
C ASN A 454 20.36 2.18 6.15
N SER A 455 21.67 2.21 5.89
CA SER A 455 22.31 3.49 5.62
C SER A 455 21.61 4.27 4.50
N ILE A 456 20.98 3.56 3.54
CA ILE A 456 20.47 4.23 2.34
C ILE A 456 19.41 5.27 2.70
N THR A 457 18.50 4.89 3.61
CA THR A 457 17.32 5.68 3.94
C THR A 457 17.40 6.35 5.30
N GLU A 458 18.37 6.01 6.12
CA GLU A 458 18.52 6.69 7.42
C GLU A 458 19.46 7.89 7.29
CA CA B . 30.30 -4.53 -3.01
#